data_2C74
#
_entry.id   2C74
#
_cell.length_a   75.731
_cell.length_b   75.360
_cell.length_c   113.529
_cell.angle_alpha   90.00
_cell.angle_beta   90.00
_cell.angle_gamma   90.00
#
_symmetry.space_group_name_H-M   'P 21 21 21'
#
loop_
_entity.id
_entity.type
_entity.pdbx_description
1 polymer '14-3-3 PROTEIN ETA'
2 polymer 'CONSENSUS PEPTIDE MODE 1 FOR 14-3-3 PROTEINS'
3 non-polymer 'CITRIC ACID'
4 water water
#
loop_
_entity_poly.entity_id
_entity_poly.type
_entity_poly.pdbx_seq_one_letter_code
_entity_poly.pdbx_strand_id
1 'polypeptide(L)'
;SMGDREQLLQRARLAEQAERYDDMASAMKAVTELNEPLSNEDRNLLSVAYKNVVGARRSSWRVISSIEQKTMADGNEKKL
EKVKAYREKIEKELETVCNDVLSLLDKFLIKNCNDFQYESKVFYLKMKGDYYRYLAEVASGEKKNSVVEASEAAYKEAFE
ISKEQMQPTHPIRLGLALNFSVFYYEIQNAPEQACLLAKQAFDDAIAELDTLNEDSYKDSTLIMQLLRDNLTLWTSDQQD
EEAGEGN
;
A,B
2 'polypeptide(L)' RRQR(SEP)AP P,Q
#
loop_
_chem_comp.id
_chem_comp.type
_chem_comp.name
_chem_comp.formula
CIT non-polymer 'CITRIC ACID' 'C6 H8 O7'
#
# COMPACT_ATOMS: atom_id res chain seq x y z
N GLY A 3 7.88 24.97 15.16
CA GLY A 3 6.79 25.86 14.64
C GLY A 3 5.61 25.03 14.17
N ASP A 4 4.46 25.66 13.93
CA ASP A 4 3.37 24.94 13.25
C ASP A 4 3.91 24.34 11.93
N ARG A 5 4.66 25.14 11.18
CA ARG A 5 5.09 24.76 9.83
C ARG A 5 6.17 23.70 9.81
N GLU A 6 7.14 23.81 10.73
CA GLU A 6 8.17 22.78 10.83
C GLU A 6 7.63 21.51 11.50
N GLN A 7 6.64 21.67 12.40
CA GLN A 7 5.94 20.51 12.96
C GLN A 7 5.28 19.70 11.82
N LEU A 8 4.68 20.38 10.86
CA LEU A 8 4.04 19.70 9.75
C LEU A 8 5.04 19.05 8.79
N LEU A 9 6.11 19.78 8.44
CA LEU A 9 7.12 19.20 7.54
C LEU A 9 7.79 17.99 8.22
N GLN A 10 8.03 18.08 9.54
CA GLN A 10 8.56 16.95 10.29
C GLN A 10 7.61 15.78 10.09
N ARG A 11 6.31 16.02 10.33
CA ARG A 11 5.29 14.97 10.21
C ARG A 11 5.30 14.35 8.83
N ALA A 12 5.40 15.19 7.80
CA ALA A 12 5.38 14.70 6.44
C ALA A 12 6.51 13.72 6.21
N ARG A 13 7.69 14.07 6.70
CA ARG A 13 8.85 13.24 6.45
C ARG A 13 8.73 11.91 7.16
N LEU A 14 8.20 11.89 8.37
CA LEU A 14 7.95 10.64 9.07
C LEU A 14 6.96 9.70 8.34
N ALA A 15 5.87 10.28 7.86
CA ALA A 15 4.89 9.56 7.07
C ALA A 15 5.49 8.95 5.79
N GLU A 16 6.38 9.69 5.12
CA GLU A 16 7.06 9.19 3.93
C GLU A 16 7.82 7.92 4.28
N GLN A 17 8.61 8.03 5.34
CA GLN A 17 9.39 6.89 5.77
C GLN A 17 8.50 5.74 6.21
N ALA A 18 7.33 6.05 6.76
CA ALA A 18 6.39 5.02 7.21
C ALA A 18 5.45 4.51 6.12
N GLU A 19 5.58 5.03 4.90
CA GLU A 19 4.69 4.68 3.82
C GLU A 19 3.25 4.98 4.17
N ARG A 20 3.00 6.12 4.80
CA ARG A 20 1.65 6.53 5.18
C ARG A 20 1.28 7.78 4.41
N TYR A 21 1.01 7.60 3.12
CA TYR A 21 0.96 8.70 2.21
C TYR A 21 -0.25 9.60 2.41
N ASP A 22 -1.35 9.07 2.96
CA ASP A 22 -2.51 9.91 3.28
C ASP A 22 -2.21 10.92 4.40
N ASP A 23 -1.36 10.51 5.33
CA ASP A 23 -0.89 11.40 6.39
C ASP A 23 0.12 12.37 5.85
N MET A 24 0.89 11.91 4.88
CA MET A 24 1.88 12.77 4.24
C MET A 24 1.16 13.89 3.47
N ALA A 25 0.07 13.55 2.79
CA ALA A 25 -0.75 14.51 2.07
C ALA A 25 -1.47 15.50 2.97
N SER A 26 -2.01 15.08 4.10
CA SER A 26 -2.70 16.03 5.01
C SER A 26 -1.76 17.09 5.44
N ALA A 27 -0.54 16.66 5.72
CA ALA A 27 0.47 17.56 6.25
C ALA A 27 0.95 18.58 5.20
N MET A 28 1.21 18.12 3.98
CA MET A 28 1.59 19.05 2.90
C MET A 28 0.44 19.96 2.46
N LYS A 29 -0.79 19.47 2.56
CA LYS A 29 -1.95 20.31 2.32
C LYS A 29 -1.96 21.44 3.36
N ALA A 30 -1.73 21.09 4.62
CA ALA A 30 -1.77 22.08 5.69
C ALA A 30 -0.66 23.07 5.51
N VAL A 31 0.53 22.57 5.17
CA VAL A 31 1.70 23.44 4.88
C VAL A 31 1.39 24.45 3.77
N THR A 32 0.75 23.98 2.72
CA THR A 32 0.37 24.81 1.59
C THR A 32 -0.65 25.85 2.02
N GLU A 33 -1.61 25.41 2.79
CA GLU A 33 -2.69 26.25 3.31
C GLU A 33 -2.25 27.38 4.25
N LEU A 34 -0.97 27.38 4.61
CA LEU A 34 -0.38 28.52 5.34
C LEU A 34 -0.19 29.78 4.45
N ASN A 35 -0.41 29.63 3.16
CA ASN A 35 -0.33 30.74 2.21
C ASN A 35 1.08 31.37 2.06
N GLU A 36 2.11 30.59 2.39
CA GLU A 36 3.48 30.98 2.12
C GLU A 36 4.14 30.07 1.07
N PRO A 37 5.22 30.54 0.46
CA PRO A 37 5.77 29.76 -0.64
C PRO A 37 6.50 28.48 -0.20
N LEU A 38 6.56 27.50 -1.10
CA LEU A 38 7.26 26.26 -0.85
C LEU A 38 8.63 26.28 -1.51
N SER A 39 9.66 25.77 -0.80
CA SER A 39 10.94 25.51 -1.42
C SER A 39 10.83 24.29 -2.37
N ASN A 40 11.88 24.07 -3.13
CA ASN A 40 12.02 22.81 -3.85
C ASN A 40 11.78 21.56 -3.02
N GLU A 41 12.38 21.49 -1.83
CA GLU A 41 12.24 20.32 -1.01
C GLU A 41 10.78 20.18 -0.60
N ASP A 42 10.18 21.28 -0.14
CA ASP A 42 8.79 21.28 0.34
C ASP A 42 7.88 20.85 -0.78
N ARG A 43 8.08 21.49 -1.90
CA ARG A 43 7.34 21.22 -3.10
C ARG A 43 7.50 19.76 -3.59
N ASN A 44 8.67 19.14 -3.43
CA ASN A 44 8.82 17.73 -3.78
C ASN A 44 8.10 16.81 -2.82
N LEU A 45 7.94 17.22 -1.56
CA LEU A 45 7.17 16.48 -0.55
C LEU A 45 5.69 16.49 -0.89
N LEU A 46 5.22 17.64 -1.34
CA LEU A 46 3.83 17.74 -1.76
C LEU A 46 3.58 16.80 -2.92
N SER A 47 4.46 16.87 -3.89
CA SER A 47 4.31 16.12 -5.09
C SER A 47 4.46 14.62 -4.84
N VAL A 48 5.40 14.20 -4.00
CA VAL A 48 5.52 12.77 -3.68
C VAL A 48 4.25 12.26 -2.97
N ALA A 49 3.76 13.04 -2.01
CA ALA A 49 2.60 12.70 -1.21
C ALA A 49 1.44 12.35 -2.09
N TYR A 50 1.04 13.30 -2.92
CA TYR A 50 -0.14 13.15 -3.78
C TYR A 50 0.08 12.19 -4.92
N LYS A 51 1.31 12.10 -5.41
CA LYS A 51 1.61 11.10 -6.43
C LYS A 51 1.20 9.70 -5.92
N ASN A 52 1.60 9.38 -4.69
CA ASN A 52 1.37 8.05 -4.14
C ASN A 52 -0.08 7.80 -3.77
N VAL A 53 -0.75 8.82 -3.21
CA VAL A 53 -2.16 8.64 -2.91
C VAL A 53 -2.92 8.33 -4.21
N VAL A 54 -2.88 9.28 -5.13
CA VAL A 54 -3.67 9.17 -6.35
C VAL A 54 -3.21 7.95 -7.18
N GLY A 55 -1.93 7.57 -7.08
CA GLY A 55 -1.42 6.39 -7.80
C GLY A 55 -2.11 5.13 -7.35
N ALA A 56 -2.29 5.00 -6.06
CA ALA A 56 -2.98 3.86 -5.49
C ALA A 56 -4.45 3.81 -5.96
N ARG A 57 -5.15 4.95 -5.97
CA ARG A 57 -6.52 4.95 -6.49
C ARG A 57 -6.55 4.60 -7.97
N ARG A 58 -5.59 5.08 -8.77
CA ARG A 58 -5.59 4.84 -10.22
C ARG A 58 -5.29 3.36 -10.49
N SER A 59 -4.30 2.87 -9.76
CA SER A 59 -4.00 1.46 -9.83
C SER A 59 -5.26 0.63 -9.50
N SER A 60 -6.00 1.01 -8.47
CA SER A 60 -7.18 0.24 -8.09
C SER A 60 -8.25 0.39 -9.17
N TRP A 61 -8.48 1.62 -9.62
CA TRP A 61 -9.48 1.92 -10.62
C TRP A 61 -9.26 1.10 -11.90
N ARG A 62 -8.02 1.06 -12.39
CA ARG A 62 -7.64 0.23 -13.53
C ARG A 62 -8.01 -1.23 -13.37
N VAL A 63 -7.80 -1.76 -12.17
CA VAL A 63 -7.98 -3.21 -11.93
C VAL A 63 -9.45 -3.59 -11.98
N ILE A 64 -10.27 -2.74 -11.36
CA ILE A 64 -11.73 -2.92 -11.26
C ILE A 64 -12.44 -2.58 -12.57
N SER A 65 -11.93 -1.57 -13.24
CA SER A 65 -12.44 -1.21 -14.52
C SER A 65 -12.22 -2.37 -15.49
N SER A 66 -11.06 -3.00 -15.41
CA SER A 66 -10.72 -4.10 -16.28
C SER A 66 -11.65 -5.28 -16.03
N ILE A 67 -11.95 -5.53 -14.76
CA ILE A 67 -12.91 -6.60 -14.42
C ILE A 67 -14.31 -6.25 -14.97
N GLU A 68 -14.76 -5.00 -14.79
CA GLU A 68 -16.03 -4.50 -15.35
C GLU A 68 -16.24 -4.75 -16.83
N GLN A 69 -15.22 -4.46 -17.63
CA GLN A 69 -15.27 -4.71 -19.07
C GLN A 69 -15.37 -6.22 -19.41
N LYS A 70 -14.59 -7.07 -18.74
CA LYS A 70 -14.68 -8.53 -18.96
C LYS A 70 -16.09 -9.01 -18.61
N THR A 71 -16.68 -8.42 -17.55
CA THR A 71 -17.98 -8.85 -17.01
C THR A 71 -19.11 -8.40 -17.89
N MET A 72 -18.97 -7.23 -18.47
CA MET A 72 -19.95 -6.75 -19.46
C MET A 72 -19.93 -7.62 -20.68
N ALA A 73 -18.74 -7.87 -21.20
CA ALA A 73 -18.55 -8.79 -22.34
C ALA A 73 -19.11 -10.21 -22.07
N ASP A 74 -19.05 -10.69 -20.84
CA ASP A 74 -19.58 -12.01 -20.45
C ASP A 74 -21.10 -12.05 -20.34
N GLY A 75 -21.73 -10.87 -20.39
CA GLY A 75 -23.17 -10.77 -20.26
C GLY A 75 -23.70 -11.00 -18.85
N ASN A 76 -22.88 -10.79 -17.82
CA ASN A 76 -23.31 -11.08 -16.43
C ASN A 76 -23.89 -9.83 -15.75
N GLU A 77 -25.22 -9.68 -15.86
CA GLU A 77 -25.91 -8.48 -15.40
C GLU A 77 -25.85 -8.28 -13.87
N LYS A 78 -26.23 -9.31 -13.11
CA LYS A 78 -26.25 -9.23 -11.65
C LYS A 78 -24.87 -8.87 -11.12
N LYS A 79 -23.83 -9.54 -11.63
CA LYS A 79 -22.46 -9.25 -11.16
C LYS A 79 -21.98 -7.85 -11.57
N LEU A 80 -22.29 -7.46 -12.79
CA LEU A 80 -21.84 -6.19 -13.30
C LEU A 80 -22.29 -5.04 -12.41
N GLU A 81 -23.51 -5.10 -11.89
CA GLU A 81 -24.01 -3.95 -11.13
C GLU A 81 -23.20 -3.78 -9.86
N LYS A 82 -22.65 -4.88 -9.37
CA LYS A 82 -21.81 -4.84 -8.19
C LYS A 82 -20.41 -4.31 -8.46
N VAL A 83 -19.81 -4.81 -9.52
CA VAL A 83 -18.50 -4.34 -9.92
C VAL A 83 -18.57 -2.86 -10.22
N LYS A 84 -19.51 -2.46 -11.05
CA LYS A 84 -19.73 -1.05 -11.38
C LYS A 84 -19.89 -0.16 -10.17
N ALA A 85 -20.63 -0.58 -9.16
CA ALA A 85 -20.78 0.23 -7.96
C ALA A 85 -19.44 0.51 -7.33
N TYR A 86 -18.60 -0.53 -7.25
CA TYR A 86 -17.30 -0.38 -6.58
C TYR A 86 -16.35 0.48 -7.40
N ARG A 87 -16.30 0.21 -8.69
CA ARG A 87 -15.55 1.02 -9.61
C ARG A 87 -15.94 2.48 -9.51
N GLU A 88 -17.21 2.75 -9.29
CA GLU A 88 -17.67 4.13 -9.09
C GLU A 88 -17.26 4.74 -7.76
N LYS A 89 -17.24 3.94 -6.70
CA LYS A 89 -16.82 4.39 -5.38
C LYS A 89 -15.36 4.80 -5.39
N ILE A 90 -14.56 3.98 -6.06
CA ILE A 90 -13.13 4.26 -6.24
C ILE A 90 -12.94 5.55 -7.04
N GLU A 91 -13.77 5.70 -8.08
CA GLU A 91 -13.73 6.88 -8.91
C GLU A 91 -14.01 8.18 -8.12
N LYS A 92 -15.00 8.19 -7.23
CA LYS A 92 -15.28 9.38 -6.40
C LYS A 92 -14.06 9.74 -5.51
N GLU A 93 -13.40 8.72 -4.92
CA GLU A 93 -12.18 8.95 -4.14
C GLU A 93 -11.10 9.58 -4.99
N LEU A 94 -10.82 8.97 -6.13
CA LEU A 94 -9.81 9.45 -7.04
C LEU A 94 -10.09 10.90 -7.41
N GLU A 95 -11.31 11.20 -7.84
CA GLU A 95 -11.65 12.57 -8.24
C GLU A 95 -11.46 13.55 -7.10
N THR A 96 -11.82 13.14 -5.89
CA THR A 96 -11.64 14.00 -4.73
C THR A 96 -10.17 14.34 -4.52
N VAL A 97 -9.28 13.35 -4.65
CA VAL A 97 -7.85 13.65 -4.54
C VAL A 97 -7.38 14.64 -5.61
N CYS A 98 -7.94 14.56 -6.81
CA CYS A 98 -7.51 15.42 -7.90
C CYS A 98 -7.99 16.80 -7.69
N ASN A 99 -9.23 16.93 -7.27
CA ASN A 99 -9.76 18.27 -7.00
C ASN A 99 -9.08 18.95 -5.81
N ASP A 100 -8.73 18.17 -4.79
CA ASP A 100 -8.04 18.77 -3.64
C ASP A 100 -6.73 19.39 -4.11
N VAL A 101 -5.95 18.64 -4.90
CA VAL A 101 -4.69 19.12 -5.45
C VAL A 101 -4.89 20.34 -6.31
N LEU A 102 -5.85 20.27 -7.23
CA LEU A 102 -6.08 21.37 -8.15
C LEU A 102 -6.49 22.63 -7.45
N SER A 103 -7.29 22.46 -6.42
CA SER A 103 -7.72 23.57 -5.60
C SER A 103 -6.54 24.28 -4.93
N LEU A 104 -5.56 23.51 -4.46
CA LEU A 104 -4.35 24.08 -3.89
C LEU A 104 -3.58 24.85 -4.92
N LEU A 105 -3.48 24.28 -6.13
CA LEU A 105 -2.67 24.90 -7.15
C LEU A 105 -3.30 26.25 -7.43
N ASP A 106 -4.63 26.32 -7.41
CA ASP A 106 -5.29 27.56 -7.78
C ASP A 106 -5.38 28.58 -6.67
N LYS A 107 -5.84 28.14 -5.50
CA LYS A 107 -5.95 29.04 -4.35
C LYS A 107 -4.59 29.56 -3.79
N PHE A 108 -3.50 28.82 -3.95
CA PHE A 108 -2.26 29.13 -3.24
C PHE A 108 -0.99 29.07 -4.10
N LEU A 109 -0.71 27.91 -4.70
CA LEU A 109 0.60 27.67 -5.30
C LEU A 109 0.86 28.48 -6.58
N ILE A 110 -0.02 28.40 -7.55
CA ILE A 110 0.17 29.13 -8.80
C ILE A 110 -0.14 30.61 -8.64
N LYS A 111 -1.17 30.94 -7.85
CA LYS A 111 -1.55 32.33 -7.56
C LYS A 111 -0.41 33.19 -6.98
N ASN A 112 0.46 32.60 -6.15
CA ASN A 112 1.55 33.33 -5.46
C ASN A 112 2.92 33.30 -6.15
N CYS A 113 2.96 32.87 -7.40
CA CYS A 113 4.17 32.92 -8.18
C CYS A 113 4.35 34.29 -8.80
N ASN A 114 5.54 34.88 -8.61
CA ASN A 114 5.96 36.06 -9.34
C ASN A 114 6.09 35.70 -10.80
N ASP A 115 6.22 36.72 -11.62
CA ASP A 115 6.42 36.48 -13.05
C ASP A 115 7.81 35.85 -13.29
N PHE A 116 8.80 36.22 -12.47
CA PHE A 116 10.16 35.68 -12.61
C PHE A 116 10.41 34.37 -11.85
N GLN A 117 9.35 33.76 -11.31
CA GLN A 117 9.48 32.44 -10.68
C GLN A 117 9.19 31.36 -11.74
N TYR A 118 10.05 31.33 -12.73
CA TYR A 118 9.85 30.50 -13.89
C TYR A 118 9.85 29.05 -13.48
N GLU A 119 10.82 28.68 -12.64
CA GLU A 119 10.96 27.32 -12.15
C GLU A 119 9.72 26.81 -11.39
N SER A 120 9.16 27.63 -10.50
CA SER A 120 7.94 27.25 -9.76
C SER A 120 6.72 27.19 -10.63
N LYS A 121 6.54 28.21 -11.48
CA LYS A 121 5.41 28.24 -12.40
C LYS A 121 5.43 26.98 -13.27
N VAL A 122 6.58 26.62 -13.83
CA VAL A 122 6.63 25.41 -14.64
C VAL A 122 6.25 24.18 -13.83
N PHE A 123 6.80 24.07 -12.62
CA PHE A 123 6.47 22.95 -11.70
C PHE A 123 4.98 22.79 -11.40
N TYR A 124 4.33 23.86 -10.98
CA TYR A 124 2.92 23.77 -10.57
C TYR A 124 2.00 23.63 -11.77
N LEU A 125 2.36 24.24 -12.89
CA LEU A 125 1.55 24.12 -14.10
C LEU A 125 1.64 22.68 -14.68
N LYS A 126 2.79 22.04 -14.58
CA LYS A 126 2.87 20.63 -14.96
C LYS A 126 2.03 19.78 -14.02
N MET A 127 2.00 20.20 -12.77
CA MET A 127 1.21 19.50 -11.77
C MET A 127 -0.29 19.64 -12.04
N LYS A 128 -0.71 20.83 -12.44
CA LYS A 128 -2.12 21.05 -12.84
C LYS A 128 -2.50 20.23 -14.08
N GLY A 129 -1.60 20.18 -15.05
CA GLY A 129 -1.74 19.30 -16.18
C GLY A 129 -1.88 17.83 -15.83
N ASP A 130 -0.97 17.36 -14.97
CA ASP A 130 -0.96 15.97 -14.52
C ASP A 130 -2.31 15.62 -13.89
N TYR A 131 -2.78 16.45 -12.97
CA TYR A 131 -3.95 16.11 -12.19
C TYR A 131 -5.26 16.22 -12.96
N TYR A 132 -5.36 17.17 -13.88
CA TYR A 132 -6.49 17.15 -14.84
C TYR A 132 -6.37 15.93 -15.77
N ARG A 133 -5.16 15.52 -16.10
CA ARG A 133 -5.00 14.32 -16.90
C ARG A 133 -5.50 13.09 -16.15
N TYR A 134 -5.35 13.08 -14.83
CA TYR A 134 -5.81 11.94 -14.04
C TYR A 134 -7.32 11.88 -14.08
N LEU A 135 -7.97 13.05 -14.03
CA LEU A 135 -9.44 13.11 -14.15
C LEU A 135 -9.87 12.59 -15.51
N ALA A 136 -9.12 12.95 -16.54
CA ALA A 136 -9.44 12.59 -17.89
C ALA A 136 -9.31 11.08 -18.14
N GLU A 137 -8.50 10.41 -17.32
CA GLU A 137 -8.37 8.98 -17.44
C GLU A 137 -9.69 8.30 -17.11
N VAL A 138 -10.55 8.96 -16.35
CA VAL A 138 -11.76 8.32 -15.85
C VAL A 138 -13.02 9.03 -16.25
N ALA A 139 -12.91 10.25 -16.76
CA ALA A 139 -14.10 11.01 -17.15
C ALA A 139 -14.72 10.42 -18.40
N SER A 140 -15.97 10.81 -18.64
CA SER A 140 -16.65 10.57 -19.94
C SER A 140 -17.56 11.75 -20.31
N GLY A 141 -18.06 11.74 -21.54
CA GLY A 141 -19.02 12.75 -22.03
C GLY A 141 -18.42 14.13 -22.09
N GLU A 142 -19.18 15.12 -21.63
CA GLU A 142 -18.80 16.54 -21.72
C GLU A 142 -17.90 16.91 -20.56
N LYS A 143 -17.99 16.14 -19.47
CA LYS A 143 -17.07 16.35 -18.36
C LYS A 143 -15.66 16.04 -18.84
N LYS A 144 -15.52 15.05 -19.73
CA LYS A 144 -14.22 14.65 -20.24
C LYS A 144 -13.59 15.78 -21.02
N ASN A 145 -14.33 16.40 -21.92
CA ASN A 145 -13.81 17.49 -22.75
C ASN A 145 -13.23 18.65 -21.96
N SER A 146 -13.87 18.99 -20.85
CA SER A 146 -13.43 20.12 -20.04
C SER A 146 -12.11 19.84 -19.33
N VAL A 147 -11.98 18.68 -18.74
CA VAL A 147 -10.71 18.32 -18.10
C VAL A 147 -9.61 18.10 -19.16
N VAL A 148 -9.95 17.50 -20.30
CA VAL A 148 -8.96 17.34 -21.36
C VAL A 148 -8.42 18.71 -21.77
N GLU A 149 -9.30 19.67 -21.98
CA GLU A 149 -8.86 21.02 -22.34
C GLU A 149 -8.01 21.71 -21.27
N ALA A 150 -8.48 21.68 -20.02
CA ALA A 150 -7.72 22.28 -18.92
C ALA A 150 -6.32 21.70 -18.82
N SER A 151 -6.22 20.38 -18.98
CA SER A 151 -4.93 19.71 -18.96
C SER A 151 -4.01 20.26 -20.04
N GLU A 152 -4.47 20.27 -21.28
CA GLU A 152 -3.65 20.75 -22.41
C GLU A 152 -3.21 22.21 -22.23
N ALA A 153 -4.13 23.07 -21.80
CA ALA A 153 -3.87 24.49 -21.48
C ALA A 153 -2.79 24.65 -20.41
N ALA A 154 -2.84 23.82 -19.38
CA ALA A 154 -1.80 23.86 -18.35
C ALA A 154 -0.47 23.37 -18.89
N TYR A 155 -0.45 22.25 -19.59
CA TYR A 155 0.81 21.74 -20.15
C TYR A 155 1.42 22.70 -21.13
N LYS A 156 0.60 23.22 -22.03
CA LYS A 156 1.03 24.15 -23.08
C LYS A 156 1.73 25.36 -22.44
N GLU A 157 1.12 25.92 -21.41
CA GLU A 157 1.64 27.12 -20.77
C GLU A 157 2.96 26.84 -20.04
N ALA A 158 3.06 25.71 -19.36
CA ALA A 158 4.30 25.30 -18.74
C ALA A 158 5.41 25.11 -19.75
N PHE A 159 5.05 24.62 -20.92
CA PHE A 159 6.04 24.24 -21.92
C PHE A 159 6.66 25.45 -22.58
N GLU A 160 5.81 26.40 -22.97
CA GLU A 160 6.30 27.68 -23.52
C GLU A 160 7.33 28.30 -22.54
N ILE A 161 7.03 28.30 -21.25
CA ILE A 161 7.96 28.86 -20.28
C ILE A 161 9.24 28.04 -20.19
N SER A 162 9.14 26.71 -20.11
CA SER A 162 10.34 25.90 -19.92
C SER A 162 11.24 25.99 -21.14
N LYS A 163 10.69 25.94 -22.35
CA LYS A 163 11.52 26.12 -23.56
C LYS A 163 12.30 27.44 -23.51
N GLU A 164 11.65 28.52 -23.08
CA GLU A 164 12.30 29.82 -23.00
C GLU A 164 13.29 29.92 -21.84
N GLN A 165 12.95 29.37 -20.68
CA GLN A 165 13.72 29.66 -19.44
C GLN A 165 14.54 28.51 -18.86
N MET A 166 14.50 27.32 -19.45
CA MET A 166 15.19 26.17 -18.86
C MET A 166 16.02 25.41 -19.90
N GLN A 167 17.16 24.90 -19.47
CA GLN A 167 18.01 24.10 -20.34
C GLN A 167 17.33 22.77 -20.65
N PRO A 168 17.52 22.25 -21.88
CA PRO A 168 16.83 21.02 -22.32
C PRO A 168 17.16 19.79 -21.46
N THR A 169 18.25 19.89 -20.69
CA THR A 169 18.70 18.84 -19.78
C THR A 169 18.08 18.97 -18.38
N HIS A 170 17.40 20.08 -18.09
CA HIS A 170 16.73 20.29 -16.79
C HIS A 170 15.63 19.24 -16.50
N PRO A 171 15.71 18.60 -15.34
CA PRO A 171 14.77 17.52 -14.98
C PRO A 171 13.30 17.88 -15.06
N ILE A 172 12.94 19.08 -14.60
CA ILE A 172 11.54 19.50 -14.64
C ILE A 172 11.07 19.59 -16.10
N ARG A 173 11.84 20.27 -16.92
CA ARG A 173 11.54 20.36 -18.33
C ARG A 173 11.40 18.97 -19.02
N LEU A 174 12.34 18.06 -18.77
CA LEU A 174 12.26 16.73 -19.37
C LEU A 174 11.04 15.99 -18.85
N GLY A 175 10.78 16.11 -17.55
CA GLY A 175 9.64 15.44 -16.95
C GLY A 175 8.35 15.95 -17.54
N LEU A 176 8.30 17.26 -17.74
CA LEU A 176 7.16 17.90 -18.36
C LEU A 176 6.97 17.39 -19.78
N ALA A 177 8.04 17.30 -20.53
CA ALA A 177 7.95 16.79 -21.89
C ALA A 177 7.42 15.36 -21.89
N LEU A 178 7.96 14.52 -21.01
CA LEU A 178 7.51 13.12 -20.89
C LEU A 178 6.02 13.01 -20.66
N ASN A 179 5.50 13.82 -19.73
CA ASN A 179 4.08 13.76 -19.35
C ASN A 179 3.11 14.35 -20.36
N PHE A 180 3.55 15.40 -21.03
CA PHE A 180 2.73 16.06 -22.02
C PHE A 180 2.65 15.10 -23.25
N SER A 181 3.75 14.43 -23.57
CA SER A 181 3.76 13.42 -24.65
C SER A 181 2.85 12.25 -24.32
N VAL A 182 2.76 11.89 -23.04
CA VAL A 182 1.79 10.88 -22.60
C VAL A 182 0.38 11.41 -22.73
N PHE A 183 0.18 12.67 -22.38
CA PHE A 183 -1.12 13.32 -22.53
C PHE A 183 -1.61 13.18 -23.97
N TYR A 184 -0.75 13.46 -24.93
CA TYR A 184 -1.12 13.34 -26.35
C TYR A 184 -1.38 11.89 -26.74
N TYR A 185 -0.49 10.98 -26.33
CA TYR A 185 -0.62 9.60 -26.78
C TYR A 185 -1.85 8.92 -26.20
N GLU A 186 -2.07 9.06 -24.91
CA GLU A 186 -3.09 8.26 -24.25
C GLU A 186 -4.41 8.99 -24.15
N ILE A 187 -4.39 10.24 -23.71
CA ILE A 187 -5.64 10.99 -23.57
C ILE A 187 -6.16 11.49 -24.90
N GLN A 188 -5.31 12.08 -25.75
CA GLN A 188 -5.77 12.59 -27.06
C GLN A 188 -5.75 11.55 -28.18
N ASN A 189 -5.25 10.34 -27.92
CA ASN A 189 -5.10 9.29 -28.95
C ASN A 189 -4.47 9.87 -30.21
N ALA A 190 -3.38 10.63 -30.00
CA ALA A 190 -2.68 11.36 -31.04
C ALA A 190 -1.19 10.99 -31.02
N PRO A 191 -0.85 9.78 -31.49
CA PRO A 191 0.55 9.31 -31.39
C PRO A 191 1.60 10.08 -32.20
N GLU A 192 1.25 10.55 -33.39
CA GLU A 192 2.21 11.30 -34.20
C GLU A 192 2.69 12.53 -33.42
N GLN A 193 1.74 13.26 -32.85
CA GLN A 193 2.04 14.44 -32.03
C GLN A 193 2.90 14.05 -30.83
N ALA A 194 2.50 12.98 -30.14
CA ALA A 194 3.19 12.57 -28.93
C ALA A 194 4.66 12.22 -29.17
N CYS A 195 4.97 11.67 -30.33
CA CYS A 195 6.36 11.26 -30.63
C CYS A 195 7.28 12.40 -31.00
N LEU A 196 6.81 13.32 -31.84
CA LEU A 196 7.67 14.44 -32.21
C LEU A 196 8.08 15.12 -30.91
N LEU A 197 7.11 15.42 -30.07
CA LEU A 197 7.36 16.09 -28.79
C LEU A 197 8.37 15.32 -27.95
N ALA A 198 8.20 14.02 -27.83
CA ALA A 198 9.15 13.20 -27.08
C ALA A 198 10.53 13.14 -27.75
N LYS A 199 10.55 13.05 -29.09
CA LYS A 199 11.83 12.99 -29.82
C LYS A 199 12.55 14.33 -29.78
N GLN A 200 11.80 15.42 -29.95
CA GLN A 200 12.32 16.77 -29.82
C GLN A 200 13.07 16.91 -28.48
N ALA A 201 12.35 16.70 -27.37
CA ALA A 201 12.92 16.90 -26.04
C ALA A 201 14.14 16.00 -25.77
N PHE A 202 14.13 14.79 -26.33
CA PHE A 202 15.26 13.87 -26.18
C PHE A 202 16.46 14.40 -26.97
N ASP A 203 16.31 14.51 -28.29
CA ASP A 203 17.36 15.06 -29.14
C ASP A 203 17.90 16.35 -28.54
N ASP A 204 17.01 17.25 -28.11
CA ASP A 204 17.44 18.54 -27.55
C ASP A 204 18.31 18.40 -26.29
N ALA A 205 18.02 17.40 -25.45
CA ALA A 205 18.87 17.13 -24.28
C ALA A 205 20.20 16.48 -24.67
N ILE A 206 20.16 15.59 -25.66
CA ILE A 206 21.39 14.97 -26.21
C ILE A 206 22.38 16.02 -26.76
N ALA A 207 21.86 17.05 -27.43
CA ALA A 207 22.67 18.13 -27.97
C ALA A 207 23.50 18.85 -26.89
N GLU A 208 22.92 19.05 -25.71
CA GLU A 208 23.53 19.91 -24.67
C GLU A 208 23.93 19.12 -23.42
N LEU A 209 24.58 17.96 -23.62
CA LEU A 209 25.02 17.12 -22.49
C LEU A 209 26.17 17.68 -21.67
N ASP A 210 27.08 18.46 -22.31
CA ASP A 210 28.23 19.04 -21.60
C ASP A 210 27.90 20.31 -20.77
N THR A 211 26.60 20.63 -20.69
CA THR A 211 26.04 21.65 -19.79
C THR A 211 25.39 21.03 -18.55
N LEU A 212 25.49 19.71 -18.44
CA LEU A 212 24.93 18.95 -17.33
C LEU A 212 25.97 18.88 -16.19
N ASN A 213 25.65 19.51 -15.06
CA ASN A 213 26.48 19.39 -13.83
C ASN A 213 26.27 17.98 -13.32
N GLU A 214 27.33 17.33 -12.84
CA GLU A 214 27.21 15.97 -12.29
C GLU A 214 26.01 15.84 -11.30
N ASP A 215 25.78 16.88 -10.47
CA ASP A 215 24.66 16.92 -9.48
C ASP A 215 23.27 16.60 -10.04
N SER A 216 23.16 16.44 -11.37
CA SER A 216 21.88 16.14 -12.01
C SER A 216 21.91 14.99 -13.02
N TYR A 217 23.10 14.44 -13.29
CA TYR A 217 23.24 13.36 -14.27
C TYR A 217 22.28 12.21 -13.98
N LYS A 218 22.03 11.92 -12.70
CA LYS A 218 21.16 10.80 -12.33
C LYS A 218 19.71 11.06 -12.75
N ASP A 219 19.19 12.25 -12.45
CA ASP A 219 17.77 12.57 -12.74
C ASP A 219 17.45 12.73 -14.23
N SER A 220 18.31 13.44 -14.94
CA SER A 220 18.06 13.74 -16.31
C SER A 220 18.28 12.55 -17.23
N THR A 221 19.28 11.71 -16.94
CA THR A 221 19.50 10.52 -17.77
C THR A 221 18.37 9.55 -17.50
N LEU A 222 17.92 9.50 -16.26
CA LEU A 222 16.81 8.61 -15.92
C LEU A 222 15.59 8.97 -16.77
N ILE A 223 15.21 10.25 -16.76
CA ILE A 223 14.02 10.68 -17.50
C ILE A 223 14.21 10.52 -19.03
N MET A 224 15.45 10.69 -19.49
CA MET A 224 15.77 10.49 -20.89
C MET A 224 15.53 9.06 -21.27
N GLN A 225 16.01 8.15 -20.44
CA GLN A 225 15.77 6.73 -20.65
C GLN A 225 14.28 6.51 -20.84
N LEU A 226 13.44 7.09 -19.97
CA LEU A 226 11.98 6.89 -20.04
C LEU A 226 11.36 7.46 -21.33
N LEU A 227 11.91 8.56 -21.83
CA LEU A 227 11.45 9.12 -23.09
C LEU A 227 11.69 8.10 -24.21
N ARG A 228 12.89 7.52 -24.24
CA ARG A 228 13.24 6.51 -25.24
C ARG A 228 12.36 5.26 -25.16
N ASP A 229 12.02 4.80 -23.95
CA ASP A 229 11.13 3.63 -23.80
C ASP A 229 9.78 3.89 -24.45
N ASN A 230 9.15 4.98 -24.01
CA ASN A 230 7.90 5.42 -24.57
C ASN A 230 7.98 5.47 -26.09
N LEU A 231 9.05 6.10 -26.61
CA LEU A 231 9.26 6.22 -28.06
C LEU A 231 9.33 4.88 -28.79
N THR A 232 10.11 3.92 -28.27
CA THR A 232 10.22 2.60 -28.91
C THR A 232 8.88 1.86 -28.79
N LEU A 233 8.30 1.86 -27.60
CA LEU A 233 7.02 1.19 -27.37
C LEU A 233 5.89 1.70 -28.30
N TRP A 234 5.76 3.03 -28.38
CA TRP A 234 4.71 3.66 -29.16
C TRP A 234 4.90 3.43 -30.64
N THR A 235 6.09 3.78 -31.17
CA THR A 235 6.35 3.71 -32.64
C THR A 235 6.19 2.32 -33.26
N SER A 236 6.36 1.27 -32.46
CA SER A 236 6.03 -0.09 -32.91
C SER A 236 4.54 -0.30 -32.60
N ASP A 237 3.71 -0.14 -33.63
CA ASP A 237 2.23 -0.03 -33.50
C ASP A 237 1.73 1.08 -34.42
N GLY B 3 -29.46 -12.30 -0.48
CA GLY B 3 -28.61 -11.27 -1.13
C GLY B 3 -27.41 -10.80 -0.32
N ASP B 4 -27.66 -10.15 0.84
CA ASP B 4 -26.66 -9.33 1.59
C ASP B 4 -25.27 -9.99 1.74
N ARG B 5 -25.27 -11.30 1.96
CA ARG B 5 -24.03 -12.04 2.21
C ARG B 5 -23.18 -12.11 0.97
N GLU B 6 -23.81 -12.45 -0.15
CA GLU B 6 -23.07 -12.59 -1.40
C GLU B 6 -22.60 -11.25 -1.92
N GLN B 7 -23.39 -10.23 -1.63
CA GLN B 7 -23.05 -8.85 -1.91
C GLN B 7 -21.78 -8.48 -1.18
N LEU B 8 -21.66 -8.82 0.09
CA LEU B 8 -20.42 -8.54 0.81
C LEU B 8 -19.26 -9.41 0.34
N LEU B 9 -19.48 -10.69 0.10
CA LEU B 9 -18.40 -11.55 -0.39
C LEU B 9 -17.88 -11.11 -1.74
N GLN B 10 -18.79 -10.68 -2.60
CA GLN B 10 -18.39 -10.12 -3.86
C GLN B 10 -17.52 -8.90 -3.62
N ARG B 11 -17.98 -7.99 -2.77
CA ARG B 11 -17.21 -6.79 -2.47
C ARG B 11 -15.83 -7.12 -1.95
N ALA B 12 -15.76 -8.06 -1.02
CA ALA B 12 -14.48 -8.48 -0.47
C ALA B 12 -13.52 -8.93 -1.57
N ARG B 13 -14.00 -9.70 -2.56
CA ARG B 13 -13.10 -10.20 -3.60
C ARG B 13 -12.59 -9.07 -4.48
N LEU B 14 -13.46 -8.14 -4.85
CA LEU B 14 -13.02 -6.97 -5.63
C LEU B 14 -11.93 -6.12 -4.89
N ALA B 15 -12.14 -5.89 -3.58
CA ALA B 15 -11.17 -5.16 -2.77
C ALA B 15 -9.83 -5.90 -2.67
N GLU B 16 -9.88 -7.21 -2.61
CA GLU B 16 -8.62 -7.97 -2.71
C GLU B 16 -7.88 -7.75 -4.02
N GLN B 17 -8.60 -7.79 -5.13
CA GLN B 17 -7.99 -7.55 -6.44
C GLN B 17 -7.48 -6.13 -6.54
N ALA B 18 -8.20 -5.20 -5.89
CA ALA B 18 -7.85 -3.80 -5.92
C ALA B 18 -6.81 -3.41 -4.91
N GLU B 19 -6.35 -4.36 -4.10
CA GLU B 19 -5.42 -4.07 -3.01
C GLU B 19 -5.97 -2.96 -2.09
N ARG B 20 -7.23 -3.08 -1.73
CA ARG B 20 -7.82 -2.13 -0.83
C ARG B 20 -8.26 -2.92 0.36
N TYR B 21 -7.31 -3.17 1.26
CA TYR B 21 -7.53 -4.16 2.30
C TYR B 21 -8.42 -3.70 3.45
N ASP B 22 -8.48 -2.39 3.66
CA ASP B 22 -9.43 -1.84 4.65
C ASP B 22 -10.87 -2.09 4.22
N ASP B 23 -11.14 -1.99 2.91
CA ASP B 23 -12.48 -2.31 2.40
C ASP B 23 -12.75 -3.78 2.47
N MET B 24 -11.71 -4.58 2.23
CA MET B 24 -11.85 -6.02 2.31
C MET B 24 -12.20 -6.43 3.74
N ALA B 25 -11.53 -5.81 4.71
CA ALA B 25 -11.75 -6.09 6.14
C ALA B 25 -13.11 -5.65 6.63
N SER B 26 -13.62 -4.52 6.20
CA SER B 26 -14.96 -4.09 6.62
C SER B 26 -16.00 -5.05 6.11
N ALA B 27 -15.79 -5.57 4.91
CA ALA B 27 -16.71 -6.52 4.30
C ALA B 27 -16.69 -7.87 5.01
N MET B 28 -15.52 -8.42 5.29
CA MET B 28 -15.48 -9.71 5.99
C MET B 28 -15.95 -9.59 7.46
N LYS B 29 -15.71 -8.42 8.07
CA LYS B 29 -16.26 -8.12 9.39
C LYS B 29 -17.78 -8.19 9.33
N ALA B 30 -18.36 -7.55 8.33
CA ALA B 30 -19.81 -7.55 8.22
C ALA B 30 -20.37 -8.98 7.91
N VAL B 31 -19.70 -9.76 7.05
CA VAL B 31 -20.03 -11.16 6.82
C VAL B 31 -20.00 -11.94 8.13
N THR B 32 -18.94 -11.77 8.92
CA THR B 32 -18.83 -12.49 10.18
C THR B 32 -19.95 -12.09 11.12
N GLU B 33 -20.24 -10.80 11.19
CA GLU B 33 -21.30 -10.32 12.07
C GLU B 33 -22.69 -10.84 11.73
N LEU B 34 -22.86 -11.50 10.59
CA LEU B 34 -24.14 -12.17 10.29
C LEU B 34 -24.38 -13.35 11.21
N ASN B 35 -23.38 -13.73 12.00
CA ASN B 35 -23.58 -14.77 12.99
C ASN B 35 -23.88 -16.18 12.40
N GLU B 36 -23.43 -16.39 11.16
CA GLU B 36 -23.45 -17.69 10.50
C GLU B 36 -22.00 -18.14 10.21
N PRO B 37 -21.80 -19.45 10.03
CA PRO B 37 -20.43 -20.01 9.89
C PRO B 37 -19.76 -19.63 8.58
N LEU B 38 -18.43 -19.60 8.56
CA LEU B 38 -17.65 -19.33 7.33
C LEU B 38 -17.14 -20.63 6.69
N SER B 39 -17.07 -20.66 5.39
CA SER B 39 -16.37 -21.72 4.67
C SER B 39 -14.88 -21.49 4.73
N ASN B 40 -14.10 -22.47 4.32
CA ASN B 40 -12.67 -22.30 4.13
C ASN B 40 -12.35 -21.06 3.30
N GLU B 41 -13.07 -20.92 2.19
CA GLU B 41 -12.83 -19.80 1.30
C GLU B 41 -13.09 -18.45 2.03
N ASP B 42 -14.23 -18.35 2.71
CA ASP B 42 -14.63 -17.12 3.42
C ASP B 42 -13.64 -16.84 4.52
N ARG B 43 -13.32 -17.87 5.25
CA ARG B 43 -12.35 -17.81 6.29
C ARG B 43 -11.01 -17.29 5.81
N ASN B 44 -10.57 -17.71 4.64
CA ASN B 44 -9.29 -17.22 4.10
C ASN B 44 -9.34 -15.79 3.66
N LEU B 45 -10.51 -15.33 3.22
CA LEU B 45 -10.72 -13.93 2.89
C LEU B 45 -10.60 -13.07 4.14
N LEU B 46 -11.19 -13.53 5.24
CA LEU B 46 -11.11 -12.83 6.52
C LEU B 46 -9.65 -12.67 6.94
N SER B 47 -8.95 -13.78 6.85
CA SER B 47 -7.59 -13.85 7.29
C SER B 47 -6.69 -13.00 6.38
N VAL B 48 -6.91 -13.03 5.07
CA VAL B 48 -6.08 -12.23 4.17
C VAL B 48 -6.29 -10.76 4.43
N ALA B 49 -7.53 -10.36 4.59
CA ALA B 49 -7.88 -8.95 4.76
C ALA B 49 -7.19 -8.36 5.98
N TYR B 50 -7.35 -9.01 7.12
CA TYR B 50 -6.73 -8.51 8.36
C TYR B 50 -5.21 -8.68 8.39
N LYS B 51 -4.69 -9.74 7.77
CA LYS B 51 -3.26 -9.92 7.71
C LYS B 51 -2.65 -8.66 7.11
N ASN B 52 -3.18 -8.27 5.94
CA ASN B 52 -2.66 -7.12 5.20
C ASN B 52 -2.91 -5.77 5.88
N VAL B 53 -4.04 -5.59 6.54
CA VAL B 53 -4.27 -4.36 7.24
C VAL B 53 -3.25 -4.19 8.33
N VAL B 54 -3.19 -5.19 9.20
CA VAL B 54 -2.35 -5.10 10.40
C VAL B 54 -0.89 -5.14 9.98
N GLY B 55 -0.59 -5.85 8.89
CA GLY B 55 0.77 -5.93 8.36
C GLY B 55 1.34 -4.57 8.00
N ALA B 56 0.54 -3.75 7.37
CA ALA B 56 0.94 -2.39 7.07
C ALA B 56 1.14 -1.55 8.31
N ARG B 57 0.29 -1.70 9.33
CA ARG B 57 0.52 -0.99 10.61
C ARG B 57 1.81 -1.44 11.31
N ARG B 58 2.06 -2.75 11.34
CA ARG B 58 3.27 -3.27 12.02
C ARG B 58 4.52 -2.84 11.27
N SER B 59 4.46 -2.92 9.94
CA SER B 59 5.57 -2.46 9.14
C SER B 59 5.85 -0.98 9.41
N SER B 60 4.80 -0.15 9.54
CA SER B 60 4.98 1.27 9.82
C SER B 60 5.49 1.45 11.22
N TRP B 61 4.86 0.78 12.19
CA TRP B 61 5.24 0.88 13.61
C TRP B 61 6.74 0.63 13.76
N ARG B 62 7.20 -0.48 13.20
CA ARG B 62 8.62 -0.87 13.19
C ARG B 62 9.56 0.20 12.69
N VAL B 63 9.19 0.85 11.61
CA VAL B 63 10.06 1.85 10.98
C VAL B 63 10.20 3.10 11.85
N ILE B 64 9.08 3.52 12.46
CA ILE B 64 9.03 4.72 13.31
C ILE B 64 9.64 4.44 14.68
N SER B 65 9.40 3.21 15.16
CA SER B 65 10.02 2.77 16.41
C SER B 65 11.53 2.84 16.27
N SER B 66 12.02 2.31 15.16
CA SER B 66 13.45 2.28 14.87
C SER B 66 14.06 3.68 14.87
N ILE B 67 13.35 4.65 14.29
CA ILE B 67 13.80 6.04 14.32
C ILE B 67 13.79 6.58 15.74
N GLU B 68 12.72 6.34 16.48
CA GLU B 68 12.59 6.76 17.88
C GLU B 68 13.80 6.32 18.73
N GLN B 69 14.24 5.08 18.59
CA GLN B 69 15.38 4.55 19.35
C GLN B 69 16.68 5.22 18.95
N LYS B 70 16.89 5.43 17.65
CA LYS B 70 18.07 6.18 17.17
C LYS B 70 18.07 7.63 17.70
N THR B 71 16.88 8.23 17.82
CA THR B 71 16.74 9.63 18.23
C THR B 71 16.94 9.79 19.74
N MET B 72 16.48 8.80 20.51
CA MET B 72 16.72 8.78 21.96
C MET B 72 18.21 8.71 22.22
N ALA B 73 18.84 7.73 21.58
CA ALA B 73 20.28 7.54 21.60
C ALA B 73 21.06 8.81 21.27
N ASP B 74 20.60 9.55 20.27
CA ASP B 74 21.27 10.79 19.83
C ASP B 74 21.09 11.97 20.82
N GLY B 75 20.22 11.80 21.83
CA GLY B 75 19.95 12.83 22.83
C GLY B 75 19.13 14.00 22.31
N ASN B 76 18.31 13.76 21.29
CA ASN B 76 17.53 14.82 20.63
C ASN B 76 16.12 14.94 21.22
N GLU B 77 15.97 15.80 22.22
CA GLU B 77 14.73 15.90 23.01
C GLU B 77 13.54 16.44 22.22
N LYS B 78 13.71 17.60 21.58
CA LYS B 78 12.62 18.23 20.85
C LYS B 78 12.08 17.31 19.75
N LYS B 79 12.99 16.69 19.00
CA LYS B 79 12.58 15.80 17.91
C LYS B 79 11.92 14.50 18.42
N LEU B 80 12.46 13.93 19.49
CA LEU B 80 11.94 12.70 20.04
C LEU B 80 10.47 12.81 20.45
N GLU B 81 10.04 13.94 20.99
CA GLU B 81 8.65 14.05 21.43
C GLU B 81 7.73 13.99 20.23
N LYS B 82 8.19 14.45 19.07
CA LYS B 82 7.35 14.40 17.88
C LYS B 82 7.31 12.96 17.31
N VAL B 83 8.46 12.30 17.21
CA VAL B 83 8.49 10.93 16.69
C VAL B 83 7.68 9.99 17.58
N LYS B 84 7.87 10.12 18.89
CA LYS B 84 7.08 9.31 19.86
C LYS B 84 5.56 9.50 19.69
N ALA B 85 5.12 10.74 19.51
CA ALA B 85 3.69 10.97 19.32
C ALA B 85 3.16 10.18 18.13
N TYR B 86 3.91 10.21 17.03
CA TYR B 86 3.51 9.57 15.78
C TYR B 86 3.60 8.05 15.94
N ARG B 87 4.68 7.55 16.52
CA ARG B 87 4.75 6.12 16.84
C ARG B 87 3.56 5.65 17.65
N GLU B 88 3.09 6.48 18.58
CA GLU B 88 1.95 6.12 19.44
C GLU B 88 0.61 6.22 18.73
N LYS B 89 0.50 7.10 17.74
CA LYS B 89 -0.69 7.19 16.88
C LYS B 89 -0.85 5.90 16.07
N ILE B 90 0.24 5.47 15.47
CA ILE B 90 0.25 4.24 14.70
C ILE B 90 -0.05 3.03 15.58
N GLU B 91 0.43 3.06 16.82
CA GLU B 91 0.09 2.03 17.81
C GLU B 91 -1.41 1.94 18.08
N LYS B 92 -2.08 3.08 18.27
CA LYS B 92 -3.53 3.11 18.52
C LYS B 92 -4.28 2.43 17.35
N GLU B 93 -3.88 2.71 16.14
CA GLU B 93 -4.51 2.07 14.95
C GLU B 93 -4.27 0.58 14.87
N LEU B 94 -3.04 0.19 15.20
CA LEU B 94 -2.66 -1.22 15.25
C LEU B 94 -3.47 -1.97 16.29
N GLU B 95 -3.52 -1.43 17.51
CA GLU B 95 -4.28 -2.07 18.58
C GLU B 95 -5.75 -2.21 18.24
N THR B 96 -6.33 -1.18 17.65
CA THR B 96 -7.72 -1.25 17.22
C THR B 96 -7.95 -2.39 16.21
N VAL B 97 -7.09 -2.49 15.20
CA VAL B 97 -7.21 -3.59 14.26
C VAL B 97 -7.20 -4.97 14.96
N CYS B 98 -6.34 -5.14 15.97
CA CYS B 98 -6.21 -6.39 16.68
C CYS B 98 -7.41 -6.66 17.58
N ASN B 99 -7.87 -5.66 18.32
CA ASN B 99 -9.06 -5.90 19.16
C ASN B 99 -10.23 -6.25 18.28
N ASP B 100 -10.39 -5.53 17.16
CA ASP B 100 -11.54 -5.79 16.30
C ASP B 100 -11.53 -7.24 15.92
N VAL B 101 -10.38 -7.77 15.49
CA VAL B 101 -10.33 -9.16 15.12
C VAL B 101 -10.64 -10.05 16.28
N LEU B 102 -9.97 -9.82 17.39
CA LEU B 102 -10.14 -10.71 18.55
C LEU B 102 -11.60 -10.71 19.02
N SER B 103 -12.27 -9.57 18.92
CA SER B 103 -13.67 -9.50 19.28
C SER B 103 -14.51 -10.44 18.42
N LEU B 104 -14.21 -10.46 17.12
CA LEU B 104 -14.92 -11.32 16.18
C LEU B 104 -14.69 -12.78 16.50
N LEU B 105 -13.47 -13.10 16.89
CA LEU B 105 -13.15 -14.44 17.27
C LEU B 105 -13.95 -14.83 18.51
N ASP B 106 -14.09 -13.89 19.45
CA ASP B 106 -14.80 -14.25 20.67
C ASP B 106 -16.30 -14.23 20.54
N LYS B 107 -16.84 -13.17 19.97
CA LYS B 107 -18.29 -13.01 19.81
C LYS B 107 -18.95 -13.96 18.76
N PHE B 108 -18.21 -14.44 17.76
CA PHE B 108 -18.82 -15.19 16.65
C PHE B 108 -18.06 -16.47 16.23
N LEU B 109 -16.81 -16.31 15.84
CA LEU B 109 -16.11 -17.41 15.17
C LEU B 109 -15.80 -18.60 16.07
N ILE B 110 -15.14 -18.39 17.20
CA ILE B 110 -14.83 -19.54 18.09
C ILE B 110 -16.08 -20.00 18.82
N LYS B 111 -16.91 -19.05 19.26
CA LYS B 111 -18.14 -19.36 20.00
C LYS B 111 -19.03 -20.37 19.25
N ASN B 112 -19.11 -20.25 17.93
CA ASN B 112 -20.01 -21.07 17.12
C ASN B 112 -19.43 -22.40 16.60
N CYS B 113 -18.21 -22.74 16.98
CA CYS B 113 -17.63 -24.01 16.58
C CYS B 113 -18.17 -25.13 17.42
N ASN B 114 -18.60 -26.19 16.74
CA ASN B 114 -18.94 -27.47 17.39
C ASN B 114 -17.70 -28.10 17.98
N ASP B 115 -17.90 -29.08 18.85
CA ASP B 115 -16.80 -29.83 19.43
C ASP B 115 -16.03 -30.50 18.29
N PHE B 116 -16.76 -31.01 17.30
CA PHE B 116 -16.18 -31.75 16.18
C PHE B 116 -15.65 -30.91 15.02
N GLN B 117 -15.67 -29.58 15.13
CA GLN B 117 -15.10 -28.75 14.07
C GLN B 117 -13.65 -28.41 14.43
N TYR B 118 -12.85 -29.47 14.43
CA TYR B 118 -11.47 -29.42 14.86
C TYR B 118 -10.72 -28.44 13.96
N GLU B 119 -10.90 -28.55 12.66
CA GLU B 119 -10.18 -27.69 11.73
C GLU B 119 -10.51 -26.20 11.91
N SER B 120 -11.78 -25.83 12.13
CA SER B 120 -12.11 -24.41 12.39
C SER B 120 -11.54 -23.94 13.71
N LYS B 121 -11.73 -24.73 14.76
CA LYS B 121 -11.21 -24.40 16.07
C LYS B 121 -9.71 -24.12 16.01
N VAL B 122 -8.97 -24.98 15.33
CA VAL B 122 -7.53 -24.80 15.17
C VAL B 122 -7.27 -23.47 14.46
N PHE B 123 -7.97 -23.24 13.37
CA PHE B 123 -7.77 -22.04 12.57
C PHE B 123 -8.00 -20.76 13.39
N TYR B 124 -9.12 -20.68 14.09
CA TYR B 124 -9.50 -19.44 14.78
C TYR B 124 -8.62 -19.23 16.02
N LEU B 125 -8.30 -20.31 16.73
CA LEU B 125 -7.43 -20.19 17.88
C LEU B 125 -6.02 -19.74 17.47
N LYS B 126 -5.50 -20.26 16.36
CA LYS B 126 -4.22 -19.81 15.86
C LYS B 126 -4.27 -18.31 15.57
N MET B 127 -5.38 -17.89 15.00
CA MET B 127 -5.60 -16.51 14.68
C MET B 127 -5.70 -15.64 15.97
N LYS B 128 -6.34 -16.15 17.01
CA LYS B 128 -6.36 -15.46 18.28
C LYS B 128 -4.93 -15.33 18.82
N GLY B 129 -4.19 -16.43 18.71
CA GLY B 129 -2.80 -16.40 19.12
C GLY B 129 -2.01 -15.36 18.38
N ASP B 130 -2.19 -15.31 17.06
CA ASP B 130 -1.47 -14.37 16.20
C ASP B 130 -1.74 -12.93 16.62
N TYR B 131 -3.00 -12.58 16.86
CA TYR B 131 -3.36 -11.18 17.04
C TYR B 131 -3.00 -10.69 18.45
N TYR B 132 -3.08 -11.57 19.45
CA TYR B 132 -2.56 -11.25 20.76
C TYR B 132 -1.05 -11.09 20.68
N ARG B 133 -0.40 -11.90 19.86
CA ARG B 133 1.04 -11.75 19.62
C ARG B 133 1.38 -10.40 18.98
N TYR B 134 0.50 -9.90 18.08
CA TYR B 134 0.74 -8.59 17.45
C TYR B 134 0.60 -7.47 18.45
N LEU B 135 -0.27 -7.62 19.43
CA LEU B 135 -0.37 -6.67 20.51
C LEU B 135 0.88 -6.76 21.40
N ALA B 136 1.36 -7.99 21.61
CA ALA B 136 2.54 -8.21 22.43
C ALA B 136 3.79 -7.60 21.83
N GLU B 137 3.85 -7.45 20.51
CA GLU B 137 5.00 -6.83 19.86
C GLU B 137 5.17 -5.39 20.27
N VAL B 138 4.09 -4.75 20.70
CA VAL B 138 4.09 -3.31 20.98
C VAL B 138 3.69 -2.95 22.41
N ALA B 139 3.17 -3.90 23.17
CA ALA B 139 2.75 -3.62 24.53
C ALA B 139 3.95 -3.53 25.45
N SER B 140 3.76 -2.92 26.61
CA SER B 140 4.77 -2.86 27.71
C SER B 140 4.12 -3.03 29.10
N GLY B 141 4.95 -3.27 30.12
CA GLY B 141 4.45 -3.35 31.50
C GLY B 141 3.54 -4.54 31.77
N GLU B 142 2.44 -4.31 32.49
CA GLU B 142 1.52 -5.38 32.89
C GLU B 142 0.52 -5.68 31.78
N LYS B 143 0.28 -4.70 30.92
CA LYS B 143 -0.53 -4.94 29.73
C LYS B 143 0.16 -6.00 28.86
N LYS B 144 1.50 -5.95 28.82
CA LYS B 144 2.25 -6.89 28.01
C LYS B 144 2.00 -8.32 28.52
N ASN B 145 2.19 -8.51 29.82
CA ASN B 145 2.04 -9.84 30.43
C ASN B 145 0.67 -10.51 30.15
N SER B 146 -0.40 -9.72 30.10
CA SER B 146 -1.72 -10.26 29.79
C SER B 146 -1.84 -10.76 28.35
N VAL B 147 -1.43 -9.93 27.42
CA VAL B 147 -1.52 -10.32 26.03
C VAL B 147 -0.55 -11.47 25.74
N VAL B 148 0.64 -11.43 26.35
CA VAL B 148 1.57 -12.54 26.21
C VAL B 148 0.90 -13.84 26.64
N GLU B 149 0.31 -13.85 27.84
CA GLU B 149 -0.38 -15.05 28.34
C GLU B 149 -1.52 -15.53 27.42
N ALA B 150 -2.38 -14.60 27.00
CA ALA B 150 -3.53 -14.93 26.16
C ALA B 150 -3.11 -15.58 24.83
N SER B 151 -2.02 -15.07 24.28
CA SER B 151 -1.46 -15.63 23.07
C SER B 151 -1.01 -17.06 23.31
N GLU B 152 -0.24 -17.29 24.36
CA GLU B 152 0.27 -18.63 24.63
C GLU B 152 -0.86 -19.61 24.87
N ALA B 153 -1.85 -19.18 25.66
CA ALA B 153 -3.05 -19.99 25.95
C ALA B 153 -3.81 -20.41 24.70
N ALA B 154 -3.90 -19.48 23.74
CA ALA B 154 -4.56 -19.71 22.48
C ALA B 154 -3.74 -20.68 21.64
N TYR B 155 -2.44 -20.41 21.51
CA TYR B 155 -1.60 -21.30 20.70
C TYR B 155 -1.57 -22.71 21.27
N LYS B 156 -1.42 -22.79 22.60
CA LYS B 156 -1.33 -24.09 23.27
C LYS B 156 -2.60 -24.94 23.03
N GLU B 157 -3.76 -24.28 23.07
CA GLU B 157 -5.03 -24.97 22.88
C GLU B 157 -5.17 -25.49 21.47
N ALA B 158 -4.84 -24.64 20.51
CA ALA B 158 -4.85 -24.98 19.08
C ALA B 158 -3.92 -26.15 18.75
N PHE B 159 -2.79 -26.20 19.44
CA PHE B 159 -1.74 -27.17 19.14
C PHE B 159 -2.12 -28.55 19.67
N GLU B 160 -2.65 -28.58 20.89
CA GLU B 160 -3.22 -29.80 21.46
C GLU B 160 -4.16 -30.46 20.46
N ILE B 161 -5.10 -29.66 19.95
CA ILE B 161 -6.11 -30.14 19.03
C ILE B 161 -5.49 -30.58 17.69
N SER B 162 -4.54 -29.80 17.17
CA SER B 162 -3.96 -30.12 15.88
C SER B 162 -3.17 -31.44 15.95
N LYS B 163 -2.36 -31.60 17.00
CA LYS B 163 -1.58 -32.83 17.22
C LYS B 163 -2.49 -34.05 17.22
N GLU B 164 -3.62 -33.94 17.90
CA GLU B 164 -4.58 -35.06 17.97
C GLU B 164 -5.31 -35.29 16.65
N GLN B 165 -5.74 -34.21 15.99
CA GLN B 165 -6.74 -34.31 14.93
C GLN B 165 -6.26 -34.00 13.52
N MET B 166 -4.99 -33.66 13.33
CA MET B 166 -4.49 -33.27 12.00
C MET B 166 -3.19 -33.96 11.67
N GLN B 167 -3.03 -34.26 10.37
CA GLN B 167 -1.80 -34.86 9.88
C GLN B 167 -0.68 -33.82 9.94
N PRO B 168 0.55 -34.25 10.33
CA PRO B 168 1.69 -33.32 10.48
C PRO B 168 1.98 -32.47 9.22
N THR B 169 1.52 -32.97 8.07
CA THR B 169 1.72 -32.31 6.78
C THR B 169 0.59 -31.33 6.47
N HIS B 170 -0.48 -31.32 7.26
CA HIS B 170 -1.57 -30.31 7.06
C HIS B 170 -1.06 -28.86 7.22
N PRO B 171 -1.25 -28.03 6.17
CA PRO B 171 -0.83 -26.62 6.20
C PRO B 171 -1.26 -25.82 7.43
N ILE B 172 -2.45 -26.00 7.94
CA ILE B 172 -2.86 -25.20 9.10
C ILE B 172 -2.05 -25.62 10.33
N ARG B 173 -1.79 -26.90 10.49
CA ARG B 173 -0.89 -27.35 11.56
C ARG B 173 0.53 -26.80 11.43
N LEU B 174 1.15 -26.95 10.25
CA LEU B 174 2.52 -26.48 10.08
C LEU B 174 2.54 -24.99 10.35
N GLY B 175 1.58 -24.27 9.78
CA GLY B 175 1.52 -22.84 9.97
C GLY B 175 1.44 -22.47 11.45
N LEU B 176 0.60 -23.21 12.19
CA LEU B 176 0.45 -22.99 13.61
C LEU B 176 1.79 -23.24 14.28
N ALA B 177 2.47 -24.31 13.88
CA ALA B 177 3.78 -24.62 14.49
C ALA B 177 4.74 -23.48 14.25
N LEU B 178 4.80 -23.03 13.00
CA LEU B 178 5.73 -21.97 12.61
C LEU B 178 5.50 -20.72 13.47
N ASN B 179 4.25 -20.32 13.64
CA ASN B 179 3.89 -19.11 14.37
C ASN B 179 4.01 -19.22 15.87
N PHE B 180 3.81 -20.41 16.42
CA PHE B 180 3.98 -20.63 17.84
C PHE B 180 5.47 -20.57 18.16
N SER B 181 6.29 -21.18 17.32
CA SER B 181 7.75 -21.14 17.48
C SER B 181 8.27 -19.71 17.42
N VAL B 182 7.67 -18.89 16.57
CA VAL B 182 7.99 -17.47 16.54
C VAL B 182 7.57 -16.78 17.87
N PHE B 183 6.41 -17.13 18.40
CA PHE B 183 5.98 -16.56 19.66
C PHE B 183 7.04 -16.79 20.72
N TYR B 184 7.51 -18.03 20.82
CA TYR B 184 8.55 -18.40 21.81
C TYR B 184 9.88 -17.68 21.55
N TYR B 185 10.32 -17.63 20.28
CA TYR B 185 11.62 -17.01 19.97
C TYR B 185 11.61 -15.50 20.16
N GLU B 186 10.58 -14.82 19.65
CA GLU B 186 10.58 -13.37 19.66
C GLU B 186 9.89 -12.79 20.88
N ILE B 187 8.70 -13.28 21.20
CA ILE B 187 7.96 -12.70 22.31
C ILE B 187 8.48 -13.18 23.65
N GLN B 188 8.71 -14.48 23.79
CA GLN B 188 9.19 -15.02 25.07
C GLN B 188 10.72 -15.01 25.24
N ASN B 189 11.43 -14.62 24.18
CA ASN B 189 12.91 -14.64 24.20
C ASN B 189 13.44 -16.00 24.71
N ALA B 190 12.83 -17.09 24.21
CA ALA B 190 13.12 -18.47 24.65
C ALA B 190 13.46 -19.35 23.45
N PRO B 191 14.65 -19.16 22.88
CA PRO B 191 15.03 -19.84 21.62
C PRO B 191 15.06 -21.37 21.70
N GLU B 192 15.58 -21.93 22.79
CA GLU B 192 15.67 -23.39 22.92
C GLU B 192 14.29 -24.01 22.70
N GLN B 193 13.28 -23.46 23.37
CA GLN B 193 11.90 -23.94 23.23
C GLN B 193 11.40 -23.76 21.79
N ALA B 194 11.70 -22.60 21.21
CA ALA B 194 11.24 -22.29 19.85
C ALA B 194 11.78 -23.28 18.83
N CYS B 195 13.00 -23.75 19.03
CA CYS B 195 13.67 -24.64 18.09
C CYS B 195 13.16 -26.06 18.12
N LEU B 196 13.00 -26.62 19.31
CA LEU B 196 12.50 -27.99 19.39
C LEU B 196 11.16 -28.04 18.69
N LEU B 197 10.29 -27.11 19.05
CA LEU B 197 8.95 -27.00 18.48
C LEU B 197 8.96 -26.96 16.94
N ALA B 198 9.82 -26.11 16.38
CA ALA B 198 9.98 -26.02 14.94
C ALA B 198 10.58 -27.30 14.33
N LYS B 199 11.56 -27.89 15.02
CA LYS B 199 12.25 -29.10 14.54
C LYS B 199 11.36 -30.33 14.65
N GLN B 200 10.57 -30.37 15.72
CA GLN B 200 9.58 -31.43 15.93
C GLN B 200 8.59 -31.40 14.77
N ALA B 201 7.98 -30.25 14.50
CA ALA B 201 7.00 -30.16 13.41
C ALA B 201 7.59 -30.50 12.04
N PHE B 202 8.83 -30.09 11.81
CA PHE B 202 9.52 -30.37 10.55
C PHE B 202 9.70 -31.88 10.42
N ASP B 203 10.48 -32.44 11.33
CA ASP B 203 10.70 -33.90 11.37
C ASP B 203 9.38 -34.66 11.19
N ASP B 204 8.37 -34.25 11.92
CA ASP B 204 7.08 -34.92 11.89
C ASP B 204 6.43 -34.86 10.49
N ALA B 205 6.58 -33.75 9.79
CA ALA B 205 6.09 -33.65 8.41
C ALA B 205 6.92 -34.52 7.47
N ILE B 206 8.23 -34.48 7.65
CA ILE B 206 9.16 -35.30 6.89
C ILE B 206 8.75 -36.76 6.94
N ALA B 207 8.45 -37.22 8.14
CA ALA B 207 8.07 -38.61 8.36
C ALA B 207 6.93 -39.11 7.48
N GLU B 208 5.93 -38.25 7.26
CA GLU B 208 4.65 -38.65 6.61
C GLU B 208 4.42 -37.98 5.25
N LEU B 209 5.46 -37.93 4.43
CA LEU B 209 5.37 -37.27 3.12
C LEU B 209 4.54 -38.03 2.06
N ASP B 210 4.46 -39.36 2.20
CA ASP B 210 3.67 -40.22 1.28
C ASP B 210 2.16 -40.32 1.60
N THR B 211 1.71 -39.51 2.56
CA THR B 211 0.28 -39.29 2.82
C THR B 211 -0.12 -37.86 2.39
N LEU B 212 0.78 -37.13 1.71
CA LEU B 212 0.45 -35.82 1.16
C LEU B 212 -0.17 -36.03 -0.26
N ASN B 213 -1.41 -35.55 -0.43
CA ASN B 213 -2.03 -35.46 -1.76
C ASN B 213 -1.40 -34.27 -2.52
N GLU B 214 -1.20 -34.44 -3.83
CA GLU B 214 -0.62 -33.39 -4.68
C GLU B 214 -1.29 -32.03 -4.40
N ASP B 215 -2.61 -32.06 -4.18
CA ASP B 215 -3.42 -30.86 -3.91
C ASP B 215 -2.89 -29.92 -2.81
N SER B 216 -1.93 -30.35 -2.01
CA SER B 216 -1.34 -29.41 -1.03
C SER B 216 0.20 -29.49 -0.92
N TYR B 217 0.85 -30.18 -1.87
CA TYR B 217 2.32 -30.20 -1.95
C TYR B 217 2.90 -28.78 -2.00
N LYS B 218 2.19 -27.82 -2.61
CA LYS B 218 2.67 -26.43 -2.70
C LYS B 218 2.71 -25.80 -1.34
N ASP B 219 1.60 -25.90 -0.61
CA ASP B 219 1.46 -25.21 0.68
C ASP B 219 2.35 -25.76 1.77
N SER B 220 2.32 -27.07 1.93
CA SER B 220 3.00 -27.68 3.03
C SER B 220 4.52 -27.67 2.82
N THR B 221 5.01 -27.74 1.59
CA THR B 221 6.47 -27.65 1.40
C THR B 221 6.93 -26.21 1.57
N LEU B 222 6.09 -25.28 1.13
CA LEU B 222 6.39 -23.87 1.30
C LEU B 222 6.60 -23.56 2.77
N ILE B 223 5.66 -23.99 3.63
CA ILE B 223 5.75 -23.72 5.09
C ILE B 223 6.88 -24.48 5.74
N MET B 224 7.16 -25.67 5.21
CA MET B 224 8.28 -26.45 5.73
C MET B 224 9.58 -25.74 5.42
N GLN B 225 9.72 -25.22 4.21
CA GLN B 225 10.89 -24.42 3.88
C GLN B 225 11.05 -23.28 4.92
N LEU B 226 9.96 -22.56 5.26
CA LEU B 226 10.06 -21.44 6.21
C LEU B 226 10.40 -21.88 7.62
N LEU B 227 10.01 -23.10 8.01
CA LEU B 227 10.44 -23.62 9.31
C LEU B 227 11.95 -23.76 9.32
N ARG B 228 12.51 -24.36 8.27
CA ARG B 228 13.97 -24.59 8.19
C ARG B 228 14.78 -23.29 8.10
N ASP B 229 14.24 -22.23 7.48
CA ASP B 229 14.91 -20.92 7.41
C ASP B 229 15.01 -20.30 8.80
N ASN B 230 13.87 -20.26 9.49
CA ASN B 230 13.81 -19.84 10.89
C ASN B 230 14.81 -20.62 11.75
N LEU B 231 14.83 -21.95 11.59
CA LEU B 231 15.78 -22.79 12.33
C LEU B 231 17.24 -22.48 12.06
N THR B 232 17.65 -22.36 10.80
CA THR B 232 19.07 -22.06 10.52
C THR B 232 19.40 -20.64 10.98
N LEU B 233 18.52 -19.67 10.72
CA LEU B 233 18.72 -18.31 11.22
C LEU B 233 18.90 -18.26 12.73
N TRP B 234 17.96 -18.85 13.47
CA TRP B 234 18.00 -18.79 14.92
C TRP B 234 19.20 -19.52 15.51
N THR B 235 19.38 -20.80 15.14
CA THR B 235 20.44 -21.63 15.73
C THR B 235 21.85 -21.08 15.58
N SER B 236 22.10 -20.23 14.57
CA SER B 236 23.38 -19.50 14.50
C SER B 236 23.27 -18.13 15.21
N GLN C 3 4.35 2.06 -20.60
CA GLN C 3 3.63 3.39 -20.69
C GLN C 3 3.86 4.29 -19.45
N ARG C 4 5.13 4.45 -19.08
CA ARG C 4 5.50 5.19 -17.89
C ARG C 4 5.41 6.71 -18.09
N SEP C 5 5.03 7.40 -17.02
CA SEP C 5 5.10 8.87 -16.91
CB SEP C 5 3.78 9.43 -16.40
OG SEP C 5 3.43 8.84 -15.18
C SEP C 5 6.23 9.22 -15.93
O SEP C 5 6.89 8.34 -15.40
P SEP C 5 2.05 9.36 -14.63
O1P SEP C 5 1.76 8.62 -13.26
O2P SEP C 5 0.76 9.07 -15.51
O3P SEP C 5 2.20 10.93 -14.40
N ALA C 6 6.45 10.50 -15.70
CA ALA C 6 7.57 10.94 -14.91
C ALA C 6 7.40 10.45 -13.50
N PRO C 7 8.49 9.97 -12.88
CA PRO C 7 8.33 9.56 -11.49
C PRO C 7 8.34 10.81 -10.60
N GLN D 3 13.39 -14.30 9.23
CA GLN D 3 12.45 -14.41 10.43
C GLN D 3 10.96 -14.41 10.01
N ARG D 4 10.62 -15.28 9.06
CA ARG D 4 9.26 -15.33 8.52
C ARG D 4 8.24 -16.04 9.47
N SEP D 5 7.00 -15.57 9.43
CA SEP D 5 5.87 -16.24 10.05
CB SEP D 5 5.09 -15.26 10.94
OG SEP D 5 4.70 -14.14 10.23
C SEP D 5 5.00 -16.78 8.93
O SEP D 5 5.30 -16.61 7.76
P SEP D 5 3.91 -13.09 11.15
O1P SEP D 5 3.39 -11.88 10.29
O2P SEP D 5 4.82 -12.44 12.29
O3P SEP D 5 2.58 -13.72 11.77
N ALA D 6 3.94 -17.47 9.28
CA ALA D 6 3.08 -18.11 8.31
C ALA D 6 2.48 -17.08 7.37
N PRO D 7 2.43 -17.40 6.08
CA PRO D 7 1.73 -16.45 5.22
C PRO D 7 0.21 -16.59 5.39
C1 CIT E . -22.89 4.69 -0.55
O1 CIT E . -24.09 4.75 -0.15
O2 CIT E . -22.54 5.43 -1.50
C2 CIT E . -21.87 3.74 0.08
C3 CIT E . -20.61 3.36 -0.74
O7 CIT E . -20.04 4.55 -1.33
C4 CIT E . -19.53 2.88 0.26
C6 CIT E . -20.90 2.28 -1.84
O5 CIT E . -20.45 1.13 -1.82
O6 CIT E . -21.60 2.46 -2.86
#